data_4ZO0
#
_entry.id   4ZO0
#
_cell.length_a   186.360
_cell.length_b   154.400
_cell.length_c   38.780
_cell.angle_alpha   90.00
_cell.angle_beta   90.00
_cell.angle_gamma   90.00
#
_symmetry.space_group_name_H-M   'P 21 21 2'
#
loop_
_entity.id
_entity.type
_entity.pdbx_description
1 polymer 'Protein Rep68'
2 non-polymer 'ISOPROPYL ALCOHOL'
3 non-polymer 'MAGNESIUM ION'
4 water water
#
_entity_poly.entity_id   1
_entity_poly.type   'polypeptide(L)'
_entity_poly.pdbx_seq_one_letter_code
;GSHMPGFYEIVIKVPSDLDEHLPGISDSFVNWVAEKEWELPPDSDMDLNLIEQAPLTVAEKLQRDFLTEWRRVSKAPEAL
FFVQFEKGESYFHMHVLVETTGVKSMVLGRFLSQIREKLIQRIYRGIEPTLPNWFAVTKTRNGAGGGNKVVDESYIPNYL
LPKTQPELQWAWTNMEQYLSACLNLTERKRLVAQHLTHVSQTQEQNKEN
;
_entity_poly.pdbx_strand_id   A,B,C
#
loop_
_chem_comp.id
_chem_comp.type
_chem_comp.name
_chem_comp.formula
IPA non-polymer 'ISOPROPYL ALCOHOL' 'C3 H8 O'
MG non-polymer 'MAGNESIUM ION' 'Mg 2'
#
# COMPACT_ATOMS: atom_id res chain seq x y z
N MET A 4 19.75 5.32 -0.02
CA MET A 4 19.38 5.69 -1.38
C MET A 4 19.34 4.50 -2.36
N PRO A 5 20.31 3.60 -2.32
CA PRO A 5 20.23 2.41 -3.16
C PRO A 5 19.08 1.49 -2.74
N GLY A 6 18.58 0.74 -3.70
CA GLY A 6 17.51 -0.19 -3.51
C GLY A 6 18.01 -1.56 -3.13
N PHE A 7 17.12 -2.52 -3.13
CA PHE A 7 17.47 -3.86 -2.74
C PHE A 7 17.05 -4.84 -3.80
N TYR A 8 17.86 -5.83 -4.04
CA TYR A 8 17.44 -6.99 -4.77
C TYR A 8 16.79 -7.94 -3.80
N GLU A 9 15.93 -8.81 -4.28
CA GLU A 9 15.38 -9.85 -3.44
C GLU A 9 15.63 -11.21 -3.99
N ILE A 10 16.19 -12.07 -3.17
CA ILE A 10 16.31 -13.45 -3.51
C ILE A 10 15.48 -14.28 -2.55
N VAL A 11 14.58 -15.08 -3.07
CA VAL A 11 13.82 -15.99 -2.26
C VAL A 11 14.49 -17.36 -2.28
N ILE A 12 14.81 -17.89 -1.12
CA ILE A 12 15.39 -19.20 -1.01
C ILE A 12 14.52 -20.17 -0.24
N LYS A 13 14.08 -21.22 -0.90
CA LYS A 13 13.33 -22.24 -0.22
C LYS A 13 14.19 -23.07 0.71
N VAL A 14 13.66 -23.43 1.85
CA VAL A 14 14.40 -24.18 2.81
C VAL A 14 13.71 -25.51 3.03
N PRO A 15 14.44 -26.60 2.91
CA PRO A 15 13.90 -27.94 3.10
C PRO A 15 13.39 -28.23 4.50
N SER A 16 12.25 -28.88 4.58
CA SER A 16 11.73 -29.28 5.87
C SER A 16 11.41 -30.77 6.03
N ASP A 17 11.44 -31.52 4.95
CA ASP A 17 11.17 -32.93 4.97
C ASP A 17 12.34 -33.60 4.34
N LEU A 18 13.04 -34.43 5.09
CA LEU A 18 14.29 -34.94 4.59
C LEU A 18 14.15 -35.77 3.35
N ASP A 19 13.29 -36.76 3.38
CA ASP A 19 13.08 -37.59 2.23
C ASP A 19 12.43 -36.93 1.01
N GLU A 20 11.44 -36.11 1.23
CA GLU A 20 10.84 -35.37 0.16
C GLU A 20 11.70 -34.27 -0.48
N HIS A 21 12.17 -33.35 0.34
CA HIS A 21 13.02 -32.26 -0.06
C HIS A 21 14.47 -32.56 -0.41
N LEU A 22 15.08 -33.50 0.27
CA LEU A 22 16.51 -33.75 0.17
C LEU A 22 16.84 -35.22 -0.04
N PRO A 23 16.32 -35.79 -1.10
CA PRO A 23 16.70 -37.16 -1.42
C PRO A 23 18.17 -37.23 -1.74
N GLY A 24 18.85 -38.24 -1.21
CA GLY A 24 20.28 -38.42 -1.36
C GLY A 24 21.24 -37.66 -0.47
N ILE A 25 20.72 -36.89 0.46
CA ILE A 25 21.52 -36.14 1.37
C ILE A 25 22.34 -37.05 2.26
N SER A 26 23.50 -36.60 2.66
CA SER A 26 24.40 -37.41 3.45
C SER A 26 24.01 -37.54 4.90
N ASP A 27 24.49 -38.59 5.51
CA ASP A 27 24.30 -38.82 6.93
C ASP A 27 24.90 -37.73 7.79
N SER A 28 26.04 -37.21 7.40
CA SER A 28 26.66 -36.16 8.17
C SER A 28 25.85 -34.91 8.17
N PHE A 29 25.21 -34.61 7.07
CA PHE A 29 24.32 -33.48 7.01
C PHE A 29 23.17 -33.67 7.97
N VAL A 30 22.63 -34.86 8.03
CA VAL A 30 21.57 -35.16 8.95
C VAL A 30 22.00 -35.00 10.41
N ASN A 31 23.18 -35.48 10.75
CA ASN A 31 23.69 -35.29 12.09
C ASN A 31 23.93 -33.85 12.44
N TRP A 32 24.43 -33.08 11.49
CA TRP A 32 24.68 -31.69 11.70
C TRP A 32 23.41 -30.95 12.03
N VAL A 33 22.33 -31.21 11.33
CA VAL A 33 21.07 -30.58 11.62
C VAL A 33 20.56 -30.96 13.01
N ALA A 34 20.67 -32.22 13.34
CA ALA A 34 20.20 -32.72 14.60
C ALA A 34 20.91 -32.15 15.82
N GLU A 35 22.20 -31.91 15.70
CA GLU A 35 23.01 -31.41 16.77
C GLU A 35 22.72 -30.00 17.21
N LYS A 36 22.32 -29.16 16.29
CA LYS A 36 22.18 -27.76 16.57
C LYS A 36 20.99 -27.44 17.44
N GLU A 37 21.16 -26.49 18.32
CA GLU A 37 20.08 -26.00 19.14
C GLU A 37 20.16 -24.50 19.14
N TRP A 38 19.04 -23.82 19.17
CA TRP A 38 19.05 -22.37 19.13
C TRP A 38 18.24 -21.82 20.27
N GLU A 39 18.61 -20.66 20.75
CA GLU A 39 17.91 -20.02 21.83
C GLU A 39 17.66 -18.59 21.46
N LEU A 40 16.56 -18.04 21.92
CA LEU A 40 16.28 -16.64 21.76
C LEU A 40 17.12 -15.72 22.61
N PRO A 41 17.37 -14.54 22.09
CA PRO A 41 18.09 -13.54 22.84
C PRO A 41 17.25 -13.03 24.00
N PRO A 42 17.87 -12.50 25.04
CA PRO A 42 17.15 -12.14 26.24
C PRO A 42 16.10 -11.10 25.99
N ASP A 43 16.32 -10.23 25.02
CA ASP A 43 15.43 -9.14 24.75
C ASP A 43 14.30 -9.52 23.81
N SER A 44 14.19 -10.79 23.45
CA SER A 44 13.15 -11.25 22.57
C SER A 44 11.87 -11.56 23.30
N ASP A 45 10.73 -11.34 22.68
CA ASP A 45 9.44 -11.74 23.24
C ASP A 45 8.78 -12.88 22.49
N MET A 46 9.53 -13.55 21.64
CA MET A 46 9.00 -14.64 20.85
C MET A 46 8.85 -15.94 21.62
N ASP A 47 7.99 -16.81 21.13
CA ASP A 47 7.81 -18.12 21.68
C ASP A 47 8.65 -19.15 20.97
N LEU A 48 9.63 -19.67 21.66
CA LEU A 48 10.57 -20.62 21.10
C LEU A 48 9.92 -21.89 20.66
N ASN A 49 8.78 -22.16 21.23
CA ASN A 49 8.02 -23.34 20.88
C ASN A 49 7.49 -23.39 19.48
N LEU A 50 7.27 -22.23 18.92
CA LEU A 50 6.71 -22.09 17.62
C LEU A 50 7.80 -22.06 16.55
N ILE A 51 9.03 -22.23 16.97
CA ILE A 51 10.12 -22.14 16.05
C ILE A 51 10.76 -23.49 15.78
N GLU A 52 10.84 -23.86 14.53
CA GLU A 52 11.28 -25.19 14.18
C GLU A 52 12.77 -25.20 14.01
N GLN A 53 13.45 -25.90 14.90
CA GLN A 53 14.87 -25.90 14.98
C GLN A 53 15.64 -26.48 13.80
N ALA A 54 15.23 -27.59 13.25
CA ALA A 54 15.97 -28.17 12.17
C ALA A 54 16.00 -27.31 10.91
N PRO A 55 14.88 -26.80 10.46
CA PRO A 55 14.85 -25.91 9.31
C PRO A 55 15.65 -24.64 9.57
N LEU A 56 15.59 -24.16 10.78
CA LEU A 56 16.33 -22.99 11.19
C LEU A 56 17.81 -23.21 11.08
N THR A 57 18.29 -24.41 11.37
CA THR A 57 19.69 -24.67 11.26
C THR A 57 20.18 -24.52 9.84
N VAL A 58 19.46 -25.07 8.89
CA VAL A 58 19.76 -24.92 7.49
C VAL A 58 19.68 -23.48 6.99
N ALA A 59 18.64 -22.77 7.38
CA ALA A 59 18.45 -21.39 7.02
C ALA A 59 19.53 -20.46 7.55
N GLU A 60 19.97 -20.65 8.78
CA GLU A 60 20.96 -19.81 9.39
C GLU A 60 22.25 -19.90 8.63
N LYS A 61 22.65 -21.09 8.28
CA LYS A 61 23.80 -21.26 7.43
C LYS A 61 23.66 -20.73 6.02
N LEU A 62 22.52 -20.92 5.39
CA LEU A 62 22.32 -20.48 4.05
C LEU A 62 22.43 -18.97 3.93
N GLN A 63 21.77 -18.24 4.79
CA GLN A 63 21.89 -16.81 4.81
C GLN A 63 23.30 -16.35 5.17
N ARG A 64 23.91 -16.97 6.15
CA ARG A 64 25.25 -16.60 6.54
C ARG A 64 26.23 -16.79 5.39
N ASP A 65 26.19 -17.91 4.73
CA ASP A 65 26.98 -18.12 3.57
C ASP A 65 26.64 -17.29 2.32
N PHE A 66 25.38 -17.00 2.08
CA PHE A 66 25.02 -16.22 0.93
C PHE A 66 25.65 -14.87 1.08
N LEU A 67 25.58 -14.32 2.28
CA LEU A 67 26.10 -13.01 2.57
C LEU A 67 27.60 -12.91 2.42
N THR A 68 28.31 -13.94 2.82
CA THR A 68 29.73 -13.99 2.63
C THR A 68 30.11 -13.97 1.16
N GLU A 69 29.45 -14.78 0.35
CA GLU A 69 29.67 -14.73 -1.07
C GLU A 69 29.25 -13.39 -1.69
N TRP A 70 28.15 -12.83 -1.23
CA TRP A 70 27.67 -11.61 -1.80
C TRP A 70 28.68 -10.51 -1.60
N ARG A 71 29.24 -10.45 -0.42
CA ARG A 71 30.22 -9.45 -0.09
C ARG A 71 31.43 -9.58 -0.98
N ARG A 72 31.86 -10.79 -1.26
CA ARG A 72 32.94 -10.98 -2.18
C ARG A 72 32.69 -10.54 -3.62
N VAL A 73 31.59 -10.95 -4.24
CA VAL A 73 31.29 -10.51 -5.59
C VAL A 73 30.94 -9.05 -5.76
N SER A 74 30.22 -8.54 -4.81
CA SER A 74 29.82 -7.15 -4.74
C SER A 74 30.93 -6.18 -4.48
N LYS A 75 31.91 -6.63 -3.73
CA LYS A 75 32.94 -5.80 -3.20
C LYS A 75 32.39 -4.80 -2.22
N ALA A 76 31.26 -5.09 -1.62
CA ALA A 76 30.75 -4.21 -0.60
C ALA A 76 30.73 -4.92 0.72
N PRO A 77 31.76 -4.75 1.51
CA PRO A 77 31.87 -5.45 2.78
C PRO A 77 30.80 -5.08 3.79
N GLU A 78 30.26 -3.90 3.67
CA GLU A 78 29.29 -3.38 4.58
C GLU A 78 27.89 -3.32 3.98
N ALA A 79 27.60 -4.16 3.02
CA ALA A 79 26.30 -4.10 2.36
C ALA A 79 25.22 -4.29 3.36
N LEU A 80 24.20 -3.47 3.30
CA LEU A 80 23.05 -3.67 4.14
C LEU A 80 22.22 -4.85 3.69
N PHE A 81 21.69 -5.56 4.65
CA PHE A 81 20.83 -6.67 4.41
C PHE A 81 19.76 -6.78 5.45
N PHE A 82 18.61 -7.31 5.04
CA PHE A 82 17.60 -7.85 5.91
C PHE A 82 17.15 -9.21 5.40
N VAL A 83 17.22 -10.22 6.25
CA VAL A 83 16.78 -11.56 5.92
C VAL A 83 15.70 -12.02 6.86
N GLN A 84 14.59 -12.46 6.31
CA GLN A 84 13.54 -13.00 7.12
C GLN A 84 13.23 -14.41 6.71
N PHE A 85 13.23 -15.30 7.68
CA PHE A 85 12.92 -16.69 7.49
C PHE A 85 11.50 -17.00 7.95
N GLU A 86 10.74 -17.65 7.10
CA GLU A 86 9.31 -17.83 7.26
C GLU A 86 8.85 -19.24 6.99
N LYS A 87 7.77 -19.60 7.61
CA LYS A 87 7.18 -20.87 7.35
C LYS A 87 5.97 -20.62 6.48
N GLY A 88 6.06 -21.07 5.26
CA GLY A 88 4.99 -20.95 4.30
C GLY A 88 4.06 -22.15 4.26
N GLU A 89 2.99 -22.00 3.52
CA GLU A 89 2.00 -23.04 3.27
C GLU A 89 2.53 -24.25 2.55
N SER A 90 3.42 -24.03 1.60
CA SER A 90 4.10 -25.11 0.94
C SER A 90 5.51 -25.40 1.45
N TYR A 91 6.29 -24.35 1.65
CA TYR A 91 7.69 -24.49 1.99
C TYR A 91 8.17 -23.49 3.04
N PHE A 92 9.15 -23.87 3.82
CA PHE A 92 9.92 -22.90 4.53
C PHE A 92 10.68 -22.13 3.48
N HIS A 93 10.77 -20.84 3.65
CA HIS A 93 11.48 -20.02 2.71
C HIS A 93 12.09 -18.78 3.30
N MET A 94 13.10 -18.28 2.64
CA MET A 94 13.80 -17.12 3.10
C MET A 94 13.72 -15.96 2.13
N HIS A 95 13.41 -14.80 2.64
CA HIS A 95 13.48 -13.60 1.85
C HIS A 95 14.80 -12.89 2.13
N VAL A 96 15.66 -12.84 1.14
CA VAL A 96 16.90 -12.15 1.30
C VAL A 96 16.93 -10.83 0.57
N LEU A 97 16.99 -9.75 1.33
CA LEU A 97 17.12 -8.44 0.76
C LEU A 97 18.51 -7.91 0.93
N VAL A 98 19.12 -7.59 -0.18
CA VAL A 98 20.46 -7.10 -0.18
C VAL A 98 20.59 -5.91 -1.12
N GLU A 99 21.32 -4.90 -0.70
CA GLU A 99 21.43 -3.72 -1.51
C GLU A 99 22.16 -3.94 -2.83
N THR A 100 21.79 -3.15 -3.81
CA THR A 100 22.28 -3.30 -5.16
C THR A 100 23.76 -3.03 -5.37
N THR A 101 24.39 -2.34 -4.43
CA THR A 101 25.69 -1.77 -4.63
C THR A 101 26.71 -2.81 -5.01
N GLY A 102 27.40 -2.53 -6.09
CA GLY A 102 28.43 -3.37 -6.61
C GLY A 102 28.00 -4.46 -7.56
N VAL A 103 26.71 -4.62 -7.72
CA VAL A 103 26.23 -5.58 -8.67
C VAL A 103 25.25 -4.96 -9.62
N LYS A 104 25.70 -4.72 -10.83
CA LYS A 104 24.85 -4.26 -11.89
C LYS A 104 23.87 -5.32 -12.28
N SER A 105 22.71 -4.88 -12.68
CA SER A 105 21.62 -5.75 -12.99
C SER A 105 21.98 -6.68 -14.12
N MET A 106 22.75 -6.20 -15.07
CA MET A 106 23.13 -6.97 -16.23
C MET A 106 23.89 -8.22 -15.81
N VAL A 107 24.71 -8.11 -14.78
CA VAL A 107 25.48 -9.24 -14.31
C VAL A 107 24.96 -10.05 -13.12
N LEU A 108 23.82 -9.68 -12.58
CA LEU A 108 23.32 -10.30 -11.38
C LEU A 108 23.03 -11.79 -11.55
N GLY A 109 22.52 -12.21 -12.69
CA GLY A 109 22.23 -13.60 -12.89
C GLY A 109 23.45 -14.47 -12.82
N ARG A 110 24.54 -14.03 -13.42
CA ARG A 110 25.79 -14.74 -13.32
C ARG A 110 26.36 -14.82 -11.92
N PHE A 111 26.33 -13.73 -11.18
CA PHE A 111 26.75 -13.76 -9.81
C PHE A 111 25.88 -14.66 -8.93
N LEU A 112 24.57 -14.59 -9.09
CA LEU A 112 23.67 -15.37 -8.29
C LEU A 112 23.88 -16.82 -8.54
N SER A 113 24.15 -17.14 -9.78
CA SER A 113 24.43 -18.48 -10.16
C SER A 113 25.70 -19.04 -9.52
N GLN A 114 26.73 -18.22 -9.42
CA GLN A 114 27.95 -18.59 -8.74
C GLN A 114 27.69 -18.82 -7.27
N ILE A 115 26.91 -17.96 -6.67
CA ILE A 115 26.60 -18.08 -5.28
C ILE A 115 25.83 -19.34 -5.00
N ARG A 116 24.91 -19.67 -5.88
CA ARG A 116 24.10 -20.84 -5.69
C ARG A 116 24.94 -22.12 -5.68
N GLU A 117 25.93 -22.19 -6.53
CA GLU A 117 26.83 -23.31 -6.53
C GLU A 117 27.59 -23.43 -5.24
N LYS A 118 28.00 -22.31 -4.67
CA LYS A 118 28.70 -22.32 -3.41
C LYS A 118 27.86 -22.82 -2.27
N LEU A 119 26.58 -22.46 -2.26
CA LEU A 119 25.67 -22.94 -1.25
C LEU A 119 25.44 -24.44 -1.34
N ILE A 120 25.38 -24.94 -2.55
CA ILE A 120 25.25 -26.34 -2.76
C ILE A 120 26.46 -27.10 -2.23
N GLN A 121 27.64 -26.60 -2.48
CA GLN A 121 28.83 -27.23 -1.95
C GLN A 121 28.91 -27.21 -0.45
N ARG A 122 28.82 -26.03 0.13
CA ARG A 122 28.91 -25.82 1.55
C ARG A 122 27.80 -26.30 2.46
N ILE A 123 26.57 -25.90 2.19
CA ILE A 123 25.45 -26.35 2.97
C ILE A 123 25.04 -27.78 2.70
N TYR A 124 24.82 -28.12 1.44
CA TYR A 124 24.25 -29.39 1.07
C TYR A 124 25.28 -30.44 0.72
N ARG A 125 26.54 -30.09 0.85
CA ARG A 125 27.64 -31.00 0.67
C ARG A 125 27.64 -31.66 -0.68
N GLY A 126 27.34 -30.88 -1.70
CA GLY A 126 27.24 -31.33 -3.05
C GLY A 126 25.92 -31.89 -3.55
N ILE A 127 24.91 -32.04 -2.71
CA ILE A 127 23.67 -32.65 -3.13
C ILE A 127 22.59 -31.61 -3.25
N GLU A 128 22.20 -31.26 -4.44
CA GLU A 128 21.21 -30.24 -4.64
C GLU A 128 19.84 -30.62 -4.09
N PRO A 129 19.19 -29.68 -3.44
CA PRO A 129 17.87 -29.89 -2.91
C PRO A 129 16.83 -30.08 -3.99
N THR A 130 15.91 -30.96 -3.75
CA THR A 130 14.84 -31.18 -4.65
C THR A 130 13.66 -30.29 -4.29
N LEU A 131 13.84 -29.01 -4.54
CA LEU A 131 12.85 -27.99 -4.32
C LEU A 131 12.71 -27.21 -5.61
N PRO A 132 11.51 -26.97 -6.07
CA PRO A 132 11.32 -26.64 -7.49
C PRO A 132 11.99 -25.40 -8.07
N ASN A 133 11.92 -24.27 -7.43
CA ASN A 133 12.57 -23.14 -8.02
C ASN A 133 13.27 -22.50 -6.83
N TRP A 134 14.14 -23.25 -6.23
CA TRP A 134 14.61 -23.03 -4.89
C TRP A 134 15.39 -21.75 -4.57
N PHE A 135 16.10 -21.22 -5.55
CA PHE A 135 16.94 -20.07 -5.38
C PHE A 135 16.54 -19.11 -6.48
N ALA A 136 15.75 -18.13 -6.16
CA ALA A 136 15.18 -17.25 -7.17
C ALA A 136 15.15 -15.75 -6.92
N VAL A 137 15.74 -15.00 -7.82
CA VAL A 137 15.66 -13.57 -7.79
C VAL A 137 14.27 -13.09 -8.20
N THR A 138 13.72 -12.14 -7.48
CA THR A 138 12.46 -11.56 -7.83
C THR A 138 12.60 -10.72 -9.07
N LYS A 139 11.73 -10.96 -10.04
CA LYS A 139 11.77 -10.28 -11.30
C LYS A 139 10.56 -9.42 -11.52
N THR A 140 10.61 -8.53 -12.49
CA THR A 140 9.47 -7.67 -12.74
C THR A 140 8.30 -8.32 -13.45
N ARG A 141 8.54 -9.35 -14.23
CA ARG A 141 7.45 -10.09 -14.82
C ARG A 141 7.85 -11.54 -15.03
N GLY A 146 10.63 -10.13 -16.81
CA GLY A 146 11.28 -8.84 -16.97
C GLY A 146 12.63 -8.87 -16.34
N GLY A 147 13.16 -7.69 -16.03
CA GLY A 147 14.48 -7.52 -15.50
C GLY A 147 14.45 -7.83 -14.03
N ASN A 148 15.54 -7.63 -13.35
CA ASN A 148 15.54 -7.80 -11.93
C ASN A 148 14.87 -6.66 -11.17
N LYS A 149 14.02 -7.02 -10.22
CA LYS A 149 13.37 -6.05 -9.38
C LYS A 149 14.29 -5.41 -8.38
N VAL A 150 14.14 -4.13 -8.18
CA VAL A 150 14.80 -3.40 -7.14
C VAL A 150 13.71 -2.80 -6.30
N VAL A 151 13.80 -2.91 -5.00
CA VAL A 151 12.84 -2.28 -4.13
C VAL A 151 13.51 -1.41 -3.12
N ASP A 152 12.80 -0.42 -2.61
CA ASP A 152 13.34 0.41 -1.54
C ASP A 152 13.10 -0.14 -0.17
N GLU A 153 13.61 0.55 0.83
CA GLU A 153 13.61 0.07 2.18
C GLU A 153 12.21 -0.14 2.74
N SER A 154 11.24 0.51 2.13
CA SER A 154 9.87 0.47 2.57
C SER A 154 9.27 -0.90 2.46
N TYR A 155 9.91 -1.76 1.68
CA TYR A 155 9.43 -3.10 1.49
C TYR A 155 9.41 -3.80 2.82
N ILE A 156 10.38 -3.50 3.67
CA ILE A 156 10.50 -4.20 4.92
C ILE A 156 9.39 -3.94 5.94
N PRO A 157 9.07 -2.69 6.23
CA PRO A 157 7.90 -2.41 7.05
C PRO A 157 6.61 -2.84 6.41
N ASN A 158 6.45 -2.65 5.11
CA ASN A 158 5.27 -3.11 4.41
C ASN A 158 5.01 -4.60 4.32
N TYR A 159 6.04 -5.41 4.06
CA TYR A 159 5.83 -6.82 3.82
C TYR A 159 6.47 -7.82 4.73
N LEU A 160 7.54 -7.45 5.39
CA LEU A 160 8.18 -8.38 6.30
C LEU A 160 7.87 -8.19 7.78
N LEU A 161 7.93 -6.96 8.26
CA LEU A 161 7.77 -6.68 9.68
C LEU A 161 6.42 -7.14 10.22
N PRO A 162 5.36 -7.01 9.45
CA PRO A 162 4.04 -7.39 9.95
C PRO A 162 3.85 -8.86 10.29
N LYS A 163 4.74 -9.74 9.87
CA LYS A 163 4.58 -11.15 10.12
C LYS A 163 4.68 -11.59 11.59
N THR A 164 3.88 -12.57 11.95
CA THR A 164 3.78 -13.05 13.30
C THR A 164 4.03 -14.54 13.31
N GLN A 165 4.27 -15.10 14.47
CA GLN A 165 4.44 -16.51 14.62
C GLN A 165 3.08 -17.17 14.38
N PRO A 166 3.06 -18.37 13.82
CA PRO A 166 4.26 -19.11 13.50
C PRO A 166 4.80 -18.89 12.10
N GLU A 167 4.20 -18.01 11.32
CA GLU A 167 4.72 -17.77 9.99
C GLU A 167 6.12 -17.19 10.05
N LEU A 168 6.34 -16.24 10.95
CA LEU A 168 7.66 -15.76 11.24
C LEU A 168 8.44 -16.78 12.04
N GLN A 169 9.58 -17.19 11.53
CA GLN A 169 10.48 -18.05 12.26
C GLN A 169 11.70 -17.38 12.86
N TRP A 170 12.36 -16.53 12.08
CA TRP A 170 13.56 -15.86 12.51
C TRP A 170 13.84 -14.70 11.58
N ALA A 171 14.76 -13.83 11.95
CA ALA A 171 15.25 -12.79 11.08
C ALA A 171 16.64 -12.30 11.46
N TRP A 172 17.39 -11.82 10.50
CA TRP A 172 18.69 -11.26 10.73
C TRP A 172 18.86 -9.96 9.99
N THR A 173 19.60 -9.04 10.57
CA THR A 173 19.92 -7.80 9.91
C THR A 173 21.20 -7.14 10.41
N ASN A 174 21.79 -6.32 9.56
CA ASN A 174 22.78 -5.34 9.97
C ASN A 174 22.28 -3.91 9.89
N MET A 175 21.00 -3.70 9.64
CA MET A 175 20.48 -2.36 9.56
C MET A 175 20.02 -1.90 10.94
N GLU A 176 20.58 -0.79 11.42
CA GLU A 176 20.48 -0.38 12.80
C GLU A 176 19.06 -0.16 13.27
N GLN A 177 18.25 0.43 12.43
CA GLN A 177 16.88 0.69 12.76
C GLN A 177 16.06 -0.56 13.00
N TYR A 178 16.49 -1.69 12.46
CA TYR A 178 15.77 -2.94 12.60
C TYR A 178 16.37 -3.95 13.54
N LEU A 179 17.46 -3.65 14.20
CA LEU A 179 18.17 -4.68 14.93
C LEU A 179 17.37 -5.32 16.04
N SER A 180 16.69 -4.51 16.83
CA SER A 180 15.78 -5.01 17.82
C SER A 180 14.50 -5.60 17.27
N ALA A 181 14.07 -5.14 16.12
CA ALA A 181 12.85 -5.62 15.52
C ALA A 181 12.89 -7.06 15.12
N CYS A 182 14.07 -7.59 14.90
CA CYS A 182 14.19 -8.86 14.24
C CYS A 182 13.50 -9.95 14.99
N LEU A 183 13.77 -10.03 16.29
CA LEU A 183 13.17 -11.03 17.14
C LEU A 183 12.20 -10.51 18.19
N ASN A 184 11.76 -9.26 18.06
CA ASN A 184 10.81 -8.71 19.00
C ASN A 184 9.53 -8.28 18.31
N LEU A 185 8.45 -8.97 18.60
CA LEU A 185 7.16 -8.67 18.01
C LEU A 185 6.62 -7.29 18.37
N THR A 186 6.81 -6.88 19.60
CA THR A 186 6.34 -5.60 20.07
C THR A 186 7.03 -4.48 19.31
N GLU A 187 8.31 -4.63 19.09
CA GLU A 187 9.07 -3.69 18.31
C GLU A 187 8.65 -3.65 16.83
N ARG A 188 8.37 -4.78 16.22
CA ARG A 188 7.92 -4.80 14.85
C ARG A 188 6.64 -4.04 14.73
N LYS A 189 5.77 -4.24 15.69
CA LYS A 189 4.49 -3.61 15.70
C LYS A 189 4.63 -2.11 15.76
N ARG A 190 5.54 -1.65 16.59
CA ARG A 190 5.80 -0.25 16.75
C ARG A 190 6.33 0.36 15.45
N LEU A 191 7.26 -0.30 14.81
CA LEU A 191 7.84 0.17 13.57
C LEU A 191 6.87 0.25 12.44
N VAL A 192 5.97 -0.70 12.35
CA VAL A 192 4.99 -0.66 11.31
C VAL A 192 4.08 0.52 11.49
N ALA A 193 3.63 0.73 12.71
CA ALA A 193 2.79 1.84 13.01
C ALA A 193 3.51 3.13 12.75
N GLN A 194 4.76 3.20 13.12
CA GLN A 194 5.53 4.38 12.86
C GLN A 194 5.69 4.68 11.36
N HIS A 195 5.97 3.68 10.54
CA HIS A 195 6.08 3.90 9.12
C HIS A 195 4.80 4.37 8.49
N LEU A 196 3.70 3.73 8.81
CA LEU A 196 2.41 4.10 8.26
C LEU A 196 2.01 5.49 8.71
N THR A 197 2.42 5.86 9.90
CA THR A 197 2.16 7.18 10.39
C THR A 197 2.87 8.17 9.52
N HIS A 198 4.12 7.91 9.20
CA HIS A 198 4.85 8.79 8.33
C HIS A 198 4.20 8.92 6.97
N VAL A 199 3.71 7.81 6.45
CA VAL A 199 3.07 7.83 5.16
C VAL A 199 1.84 8.68 5.22
N SER A 200 1.06 8.53 6.26
CA SER A 200 -0.17 9.28 6.42
C SER A 200 0.10 10.76 6.55
N GLN A 201 1.10 11.09 7.34
CA GLN A 201 1.41 12.46 7.56
C GLN A 201 1.82 13.11 6.27
N THR A 202 2.56 12.38 5.46
CA THR A 202 2.96 12.83 4.15
C THR A 202 1.80 13.08 3.19
N GLN A 203 0.85 12.17 3.13
CA GLN A 203 -0.31 12.40 2.33
C GLN A 203 -1.07 13.58 2.87
N GLU A 204 -1.11 13.74 4.19
CA GLU A 204 -1.90 14.80 4.76
C GLU A 204 -1.32 16.09 4.28
N GLN A 205 -0.01 16.17 4.28
CA GLN A 205 0.66 17.36 3.85
C GLN A 205 0.31 17.60 2.41
N ASN A 206 0.29 16.55 1.62
CA ASN A 206 0.06 16.72 0.22
C ASN A 206 -1.29 17.33 -0.04
N LYS A 207 -2.32 16.85 0.66
CA LYS A 207 -3.64 17.37 0.43
C LYS A 207 -3.63 18.82 0.86
N GLU A 208 -3.00 19.07 1.99
CA GLU A 208 -2.86 20.43 2.40
C GLU A 208 -1.89 21.03 1.40
N ASN A 209 -1.72 22.33 1.41
CA ASN A 209 -0.80 22.97 0.49
C ASN A 209 -1.32 23.06 -0.94
N MET B 4 -15.94 17.81 4.68
CA MET B 4 -15.14 17.92 3.50
C MET B 4 -14.48 19.27 3.39
N PRO B 5 -14.79 20.18 4.40
CA PRO B 5 -14.00 21.41 4.34
C PRO B 5 -12.85 21.36 5.32
N GLY B 6 -12.00 22.37 5.29
CA GLY B 6 -10.80 22.36 6.09
C GLY B 6 -10.99 22.76 7.53
N PHE B 7 -9.87 23.00 8.21
CA PHE B 7 -9.90 23.43 9.59
C PHE B 7 -8.85 24.47 9.85
N TYR B 8 -9.15 25.33 10.80
CA TYR B 8 -8.19 26.28 11.26
C TYR B 8 -7.67 25.82 12.61
N GLU B 9 -6.40 26.05 12.88
CA GLU B 9 -5.85 25.64 14.16
C GLU B 9 -5.45 26.78 15.06
N ILE B 10 -5.99 26.78 16.26
CA ILE B 10 -5.60 27.74 17.24
C ILE B 10 -5.07 27.05 18.47
N VAL B 11 -3.86 27.39 18.87
CA VAL B 11 -3.25 26.80 20.04
C VAL B 11 -3.25 27.78 21.17
N ILE B 12 -3.86 27.43 22.28
CA ILE B 12 -3.93 28.31 23.41
C ILE B 12 -3.26 27.77 24.65
N LYS B 13 -2.28 28.50 25.14
CA LYS B 13 -1.60 28.17 26.38
C LYS B 13 -2.45 28.48 27.59
N VAL B 14 -2.43 27.58 28.56
CA VAL B 14 -3.23 27.71 29.75
C VAL B 14 -2.42 27.86 31.01
N PRO B 15 -2.74 28.85 31.81
CA PRO B 15 -1.97 29.11 33.02
C PRO B 15 -2.11 28.08 34.10
N SER B 16 -1.00 27.67 34.67
CA SER B 16 -1.01 26.76 35.79
C SER B 16 -0.39 27.27 37.11
N ASP B 17 0.53 28.21 37.03
CA ASP B 17 1.26 28.72 38.19
C ASP B 17 0.84 30.15 38.43
N LEU B 18 0.09 30.37 39.48
CA LEU B 18 -0.70 31.57 39.58
C LEU B 18 0.04 32.90 39.59
N ASP B 19 1.13 33.00 40.31
CA ASP B 19 1.76 34.27 40.39
C ASP B 19 2.85 34.39 39.36
N GLU B 20 3.05 33.35 38.59
CA GLU B 20 3.97 33.47 37.47
C GLU B 20 3.20 33.69 36.17
N HIS B 21 1.93 33.31 36.19
CA HIS B 21 1.11 33.39 35.02
C HIS B 21 0.01 34.41 35.13
N LEU B 22 -0.51 34.62 36.33
CA LEU B 22 -1.55 35.60 36.49
C LEU B 22 -1.33 36.54 37.66
N PRO B 23 -0.24 37.28 37.63
CA PRO B 23 0.05 38.15 38.76
C PRO B 23 -1.00 39.22 38.90
N GLY B 24 -1.48 39.39 40.11
CA GLY B 24 -2.44 40.42 40.38
C GLY B 24 -3.87 40.06 40.12
N ILE B 25 -4.13 38.82 39.78
CA ILE B 25 -5.47 38.42 39.43
C ILE B 25 -6.41 38.46 40.61
N SER B 26 -7.69 38.57 40.31
CA SER B 26 -8.72 38.72 41.31
C SER B 26 -8.85 37.50 42.21
N ASP B 27 -9.28 37.76 43.43
CA ASP B 27 -9.62 36.72 44.38
C ASP B 27 -10.80 35.89 43.96
N SER B 28 -11.74 36.54 43.29
CA SER B 28 -12.94 35.85 42.87
C SER B 28 -12.51 34.77 41.91
N PHE B 29 -11.52 35.06 41.10
CA PHE B 29 -10.94 34.10 40.20
C PHE B 29 -10.30 32.95 40.95
N VAL B 30 -9.56 33.26 42.00
CA VAL B 30 -8.87 32.30 42.83
C VAL B 30 -9.84 31.39 43.55
N ASN B 31 -10.89 31.95 44.09
CA ASN B 31 -11.88 31.13 44.72
C ASN B 31 -12.57 30.23 43.72
N TRP B 32 -12.69 30.70 42.50
CA TRP B 32 -13.28 29.88 41.45
C TRP B 32 -12.48 28.63 41.17
N VAL B 33 -11.18 28.77 40.94
CA VAL B 33 -10.36 27.59 40.78
C VAL B 33 -10.33 26.75 42.03
N ALA B 34 -10.27 27.39 43.18
CA ALA B 34 -10.19 26.65 44.42
C ALA B 34 -11.40 25.82 44.58
N GLU B 35 -12.55 26.39 44.28
CA GLU B 35 -13.82 25.69 44.39
C GLU B 35 -14.25 25.10 43.05
N LYS B 36 -13.62 23.99 42.66
CA LYS B 36 -13.94 23.32 41.42
C LYS B 36 -13.50 21.86 41.45
N GLU B 37 -14.33 20.98 40.93
CA GLU B 37 -14.04 19.58 40.93
C GLU B 37 -14.62 18.94 39.69
N TRP B 38 -13.90 18.01 39.10
CA TRP B 38 -14.37 17.37 37.90
C TRP B 38 -14.28 15.89 38.06
N GLU B 39 -15.15 15.21 37.36
CA GLU B 39 -15.15 13.77 37.33
C GLU B 39 -15.16 13.31 35.89
N LEU B 40 -14.63 12.13 35.66
CA LEU B 40 -14.64 11.56 34.35
C LEU B 40 -15.96 10.93 34.11
N PRO B 41 -16.37 10.88 32.86
CA PRO B 41 -17.61 10.22 32.51
C PRO B 41 -17.48 8.75 32.81
N PRO B 42 -18.60 8.09 32.94
CA PRO B 42 -18.63 6.69 33.34
C PRO B 42 -17.91 5.81 32.33
N ASP B 43 -18.00 6.20 31.08
CA ASP B 43 -17.42 5.42 30.01
C ASP B 43 -15.99 5.83 29.67
N SER B 44 -15.44 6.79 30.40
CA SER B 44 -14.04 7.07 30.28
C SER B 44 -13.19 6.05 30.98
N ASP B 45 -12.06 5.74 30.40
CA ASP B 45 -11.10 4.82 30.97
C ASP B 45 -9.84 5.49 31.46
N MET B 46 -9.87 6.80 31.56
CA MET B 46 -8.74 7.58 32.00
C MET B 46 -8.52 7.56 33.51
N ASP B 47 -7.33 7.93 33.93
CA ASP B 47 -6.99 7.96 35.33
C ASP B 47 -7.09 9.39 35.84
N LEU B 48 -8.02 9.64 36.74
CA LEU B 48 -8.26 10.97 37.29
C LEU B 48 -7.09 11.51 38.06
N ASN B 49 -6.31 10.63 38.65
CA ASN B 49 -5.21 11.09 39.44
C ASN B 49 -4.20 11.85 38.61
N LEU B 50 -4.19 11.62 37.30
CA LEU B 50 -3.20 12.23 36.44
C LEU B 50 -3.61 13.52 35.79
N ILE B 51 -4.82 13.95 36.06
CA ILE B 51 -5.37 15.14 35.47
C ILE B 51 -5.36 16.26 36.48
N GLU B 52 -4.83 17.39 36.10
CA GLU B 52 -4.69 18.50 37.02
C GLU B 52 -5.89 19.39 36.97
N GLN B 53 -6.59 19.43 38.08
CA GLN B 53 -7.84 20.12 38.16
C GLN B 53 -7.80 21.61 37.94
N ALA B 54 -6.80 22.29 38.47
CA ALA B 54 -6.81 23.73 38.35
C ALA B 54 -6.68 24.19 36.93
N PRO B 55 -5.73 23.66 36.22
CA PRO B 55 -5.56 24.02 34.83
C PRO B 55 -6.75 23.60 33.99
N LEU B 56 -7.33 22.47 34.29
CA LEU B 56 -8.48 22.00 33.57
C LEU B 56 -9.61 22.97 33.69
N THR B 57 -9.79 23.51 34.88
CA THR B 57 -10.90 24.37 35.13
C THR B 57 -10.79 25.56 34.25
N VAL B 58 -9.60 26.09 34.13
CA VAL B 58 -9.36 27.18 33.24
C VAL B 58 -9.57 26.81 31.78
N ALA B 59 -9.08 25.64 31.38
CA ALA B 59 -9.14 25.23 29.99
C ALA B 59 -10.55 25.06 29.51
N GLU B 60 -11.36 24.42 30.32
CA GLU B 60 -12.71 24.13 29.97
C GLU B 60 -13.44 25.41 29.71
N LYS B 61 -13.30 26.38 30.58
CA LYS B 61 -13.96 27.64 30.39
C LYS B 61 -13.45 28.30 29.14
N LEU B 62 -12.17 28.21 28.88
CA LEU B 62 -11.63 28.85 27.71
C LEU B 62 -12.13 28.31 26.38
N GLN B 63 -12.15 27.01 26.22
CA GLN B 63 -12.69 26.45 25.01
C GLN B 63 -14.20 26.64 24.89
N ARG B 64 -14.90 26.43 25.99
CA ARG B 64 -16.34 26.50 25.96
C ARG B 64 -16.79 27.88 25.58
N ASP B 65 -16.14 28.88 26.11
CA ASP B 65 -16.41 30.22 25.69
C ASP B 65 -16.01 30.47 24.28
N PHE B 66 -14.85 29.95 23.88
CA PHE B 66 -14.22 30.34 22.61
C PHE B 66 -15.07 30.05 21.38
N LEU B 67 -15.78 28.96 21.39
CA LEU B 67 -16.51 28.63 20.21
C LEU B 67 -17.51 29.73 19.97
N THR B 68 -18.18 30.12 21.04
CA THR B 68 -19.33 30.97 20.91
C THR B 68 -18.84 32.21 20.24
N GLU B 69 -17.70 32.70 20.64
CA GLU B 69 -17.16 33.85 19.96
C GLU B 69 -16.86 33.54 18.51
N TRP B 70 -16.35 32.34 18.24
CA TRP B 70 -15.97 32.00 16.90
C TRP B 70 -17.19 32.05 15.99
N ARG B 71 -18.26 31.42 16.45
CA ARG B 71 -19.38 31.15 15.60
C ARG B 71 -19.94 32.45 15.07
N ARG B 72 -20.06 33.42 15.95
CA ARG B 72 -20.62 34.66 15.58
C ARG B 72 -19.80 35.35 14.53
N VAL B 73 -18.48 35.38 14.68
CA VAL B 73 -17.65 36.00 13.65
C VAL B 73 -17.70 35.23 12.33
N SER B 74 -17.66 33.91 12.42
CA SER B 74 -17.77 33.03 11.26
C SER B 74 -19.14 33.18 10.64
N LYS B 75 -20.13 33.26 11.50
CA LYS B 75 -21.47 33.29 11.01
C LYS B 75 -21.96 31.89 10.78
N ALA B 76 -21.19 30.90 11.17
CA ALA B 76 -21.68 29.54 11.11
C ALA B 76 -21.92 29.01 12.49
N PRO B 77 -23.26 28.72 12.78
CA PRO B 77 -23.47 28.17 14.13
C PRO B 77 -22.88 26.81 14.36
N GLU B 78 -22.92 25.96 13.36
CA GLU B 78 -22.70 24.54 13.55
C GLU B 78 -21.35 24.03 13.12
N ALA B 79 -20.38 24.93 13.03
CA ALA B 79 -19.09 24.56 12.52
C ALA B 79 -18.53 23.47 13.39
N LEU B 80 -17.84 22.55 12.75
CA LEU B 80 -17.24 21.45 13.46
C LEU B 80 -16.00 21.88 14.21
N PHE B 81 -15.81 21.27 15.37
CA PHE B 81 -14.63 21.51 16.19
C PHE B 81 -14.09 20.27 16.89
N PHE B 82 -12.79 20.25 17.09
CA PHE B 82 -12.17 19.31 17.99
C PHE B 82 -11.16 20.02 18.86
N VAL B 83 -11.23 19.84 20.16
CA VAL B 83 -10.31 20.50 21.05
C VAL B 83 -9.62 19.52 21.97
N GLN B 84 -8.31 19.57 22.01
CA GLN B 84 -7.57 18.77 22.94
C GLN B 84 -6.70 19.59 23.88
N PHE B 85 -6.78 19.28 25.17
CA PHE B 85 -6.05 19.96 26.23
C PHE B 85 -4.91 19.08 26.67
N GLU B 86 -3.72 19.62 26.66
CA GLU B 86 -2.52 18.85 26.89
C GLU B 86 -1.59 19.44 27.92
N LYS B 87 -0.79 18.58 28.51
CA LYS B 87 0.24 19.05 29.38
C LYS B 87 1.53 18.92 28.66
N GLY B 88 2.13 20.04 28.36
CA GLY B 88 3.41 20.11 27.71
C GLY B 88 4.57 19.99 28.66
N GLU B 89 5.75 19.96 28.09
CA GLU B 89 6.96 19.97 28.86
C GLU B 89 7.11 21.26 29.63
N SER B 90 6.76 22.37 29.00
CA SER B 90 6.78 23.66 29.68
C SER B 90 5.44 24.23 30.11
N TYR B 91 4.41 24.07 29.30
CA TYR B 91 3.13 24.66 29.58
C TYR B 91 1.98 23.73 29.32
N PHE B 92 0.87 23.99 30.00
CA PHE B 92 -0.39 23.44 29.63
C PHE B 92 -0.88 24.16 28.39
N HIS B 93 -1.51 23.45 27.47
CA HIS B 93 -1.99 24.06 26.24
C HIS B 93 -3.15 23.34 25.61
N MET B 94 -3.81 24.02 24.70
CA MET B 94 -4.98 23.52 24.04
C MET B 94 -4.87 23.65 22.55
N HIS B 95 -5.21 22.59 21.84
CA HIS B 95 -5.28 22.67 20.40
C HIS B 95 -6.72 22.83 20.00
N VAL B 96 -7.03 23.94 19.37
CA VAL B 96 -8.38 24.17 18.90
C VAL B 96 -8.47 24.13 17.39
N LEU B 97 -9.31 23.26 16.90
CA LEU B 97 -9.58 23.15 15.50
C LEU B 97 -11.03 23.46 15.17
N VAL B 98 -11.22 24.44 14.30
CA VAL B 98 -12.54 24.83 13.86
C VAL B 98 -12.66 24.76 12.36
N GLU B 99 -13.83 24.40 11.88
CA GLU B 99 -14.11 24.38 10.44
C GLU B 99 -14.01 25.77 9.87
N THR B 100 -13.53 25.89 8.65
CA THR B 100 -13.11 27.17 8.12
C THR B 100 -14.19 28.03 7.52
N THR B 101 -15.41 27.54 7.55
CA THR B 101 -16.48 28.24 6.88
C THR B 101 -16.65 29.63 7.46
N GLY B 102 -16.77 30.60 6.58
CA GLY B 102 -17.08 31.94 7.00
C GLY B 102 -15.90 32.81 7.32
N VAL B 103 -14.72 32.25 7.33
CA VAL B 103 -13.59 33.10 7.51
C VAL B 103 -12.51 32.85 6.50
N LYS B 104 -11.93 33.91 6.01
CA LYS B 104 -10.96 33.75 4.97
C LYS B 104 -9.61 34.14 5.47
N SER B 105 -8.60 33.50 4.91
CA SER B 105 -7.25 33.60 5.38
C SER B 105 -6.75 35.05 5.33
N MET B 106 -7.17 35.83 4.35
CA MET B 106 -6.67 37.18 4.24
C MET B 106 -7.04 37.92 5.50
N VAL B 107 -8.25 37.69 5.98
CA VAL B 107 -8.80 38.42 7.10
C VAL B 107 -8.73 37.85 8.55
N LEU B 108 -8.39 36.58 8.72
CA LEU B 108 -8.59 35.91 10.00
C LEU B 108 -7.84 36.53 11.16
N GLY B 109 -6.63 37.00 10.88
CA GLY B 109 -5.72 37.52 11.89
C GLY B 109 -6.29 38.73 12.59
N ARG B 110 -6.88 39.62 11.81
CA ARG B 110 -7.60 40.74 12.36
C ARG B 110 -8.75 40.12 13.11
N PHE B 111 -9.35 39.08 12.55
CA PHE B 111 -10.55 38.56 13.14
C PHE B 111 -10.30 38.01 14.52
N LEU B 112 -9.22 37.25 14.67
CA LEU B 112 -8.87 36.66 15.97
C LEU B 112 -8.37 37.72 16.94
N SER B 113 -7.57 38.66 16.43
CA SER B 113 -7.02 39.72 17.25
C SER B 113 -8.09 40.33 18.17
N GLN B 114 -9.33 40.27 17.72
CA GLN B 114 -10.45 40.82 18.49
C GLN B 114 -11.08 39.74 19.37
N ILE B 115 -10.78 38.49 19.07
CA ILE B 115 -11.32 37.37 19.84
C ILE B 115 -10.58 37.19 21.16
N ARG B 116 -9.25 37.27 21.09
CA ARG B 116 -8.44 37.12 22.27
C ARG B 116 -8.74 38.21 23.28
N GLU B 117 -8.84 39.44 22.81
CA GLU B 117 -9.05 40.57 23.66
C GLU B 117 -10.34 40.36 24.39
N LYS B 118 -11.28 39.72 23.74
CA LYS B 118 -12.52 39.43 24.40
C LYS B 118 -12.17 38.53 25.55
N LEU B 119 -11.23 37.61 25.31
CA LEU B 119 -10.92 36.58 26.27
C LEU B 119 -10.29 37.09 27.54
N ILE B 120 -9.43 38.08 27.40
CA ILE B 120 -8.74 38.65 28.51
C ILE B 120 -9.77 39.24 29.43
N GLN B 121 -10.65 40.05 28.88
CA GLN B 121 -11.67 40.67 29.68
C GLN B 121 -12.60 39.63 30.22
N ARG B 122 -12.97 38.69 29.39
CA ARG B 122 -14.02 37.76 29.76
C ARG B 122 -13.77 36.82 30.94
N ILE B 123 -12.63 36.15 30.94
CA ILE B 123 -12.39 35.07 31.88
C ILE B 123 -11.25 35.28 32.87
N TYR B 124 -10.26 36.05 32.45
CA TYR B 124 -9.18 36.47 33.28
C TYR B 124 -9.52 37.83 33.91
N ARG B 125 -10.72 38.31 33.62
CA ARG B 125 -11.23 39.48 34.29
C ARG B 125 -10.35 40.68 34.13
N GLY B 126 -9.83 40.88 32.94
CA GLY B 126 -9.01 42.02 32.62
C GLY B 126 -7.51 41.85 32.68
N ILE B 127 -7.02 40.74 33.19
CA ILE B 127 -5.57 40.55 33.29
C ILE B 127 -4.96 39.81 32.11
N GLU B 128 -3.84 40.28 31.62
CA GLU B 128 -3.20 39.61 30.52
C GLU B 128 -2.38 38.48 31.07
N PRO B 129 -2.55 37.28 30.54
CA PRO B 129 -1.74 36.16 30.97
C PRO B 129 -0.30 36.38 30.61
N THR B 130 0.61 35.95 31.44
CA THR B 130 2.02 36.20 31.24
C THR B 130 2.69 35.22 30.32
N LEU B 131 1.94 34.23 29.86
CA LEU B 131 2.51 33.21 29.00
C LEU B 131 2.97 33.74 27.67
N PRO B 132 4.12 33.32 27.21
CA PRO B 132 4.61 33.81 25.93
C PRO B 132 3.80 33.30 24.77
N ASN B 133 3.38 34.17 23.88
CA ASN B 133 2.72 33.76 22.65
C ASN B 133 1.53 32.88 22.88
N TRP B 134 0.74 33.22 23.87
CA TRP B 134 -0.30 32.35 24.32
C TRP B 134 -1.45 32.09 23.37
N PHE B 135 -1.63 32.94 22.39
CA PHE B 135 -2.80 32.85 21.52
C PHE B 135 -2.43 32.95 20.07
N ALA B 136 -1.97 31.87 19.48
CA ALA B 136 -1.49 31.92 18.12
C ALA B 136 -2.16 30.93 17.18
N VAL B 137 -2.56 31.42 16.02
CA VAL B 137 -3.16 30.58 15.02
C VAL B 137 -2.08 29.94 14.20
N THR B 138 -2.26 28.68 13.87
CA THR B 138 -1.23 27.98 13.14
C THR B 138 -1.08 28.54 11.76
N LYS B 139 0.15 28.75 11.36
CA LYS B 139 0.45 29.42 10.12
C LYS B 139 0.91 28.39 9.10
N THR B 140 0.51 28.60 7.86
CA THR B 140 0.76 27.64 6.82
C THR B 140 2.22 27.36 6.73
N ARG B 141 3.00 28.31 7.19
CA ARG B 141 4.42 28.14 7.23
C ARG B 141 4.87 29.18 8.24
N ASN B 142 6.15 29.41 8.37
CA ASN B 142 6.63 30.37 9.34
C ASN B 142 7.53 31.43 8.71
N GLY B 146 3.49 33.94 7.11
CA GLY B 146 3.39 33.03 5.98
C GLY B 146 2.05 33.20 5.34
N GLY B 147 1.13 32.34 5.72
CA GLY B 147 -0.26 32.44 5.36
C GLY B 147 -0.93 31.57 6.37
N ASN B 148 -2.24 31.63 6.52
CA ASN B 148 -2.88 30.78 7.50
C ASN B 148 -3.04 29.35 7.04
N LYS B 149 -2.55 28.41 7.83
CA LYS B 149 -2.62 27.00 7.50
C LYS B 149 -4.03 26.50 7.51
N VAL B 150 -4.35 25.62 6.56
CA VAL B 150 -5.63 24.96 6.55
C VAL B 150 -5.38 23.48 6.71
N VAL B 151 -5.99 22.87 7.70
CA VAL B 151 -5.69 21.50 8.04
C VAL B 151 -6.82 20.59 7.67
N ASP B 152 -6.44 19.47 7.09
CA ASP B 152 -7.31 18.40 6.73
C ASP B 152 -7.73 17.62 7.95
N GLU B 153 -8.81 16.87 7.85
CA GLU B 153 -9.36 16.16 8.97
C GLU B 153 -8.40 15.15 9.52
N SER B 154 -7.49 14.66 8.69
CA SER B 154 -6.65 13.55 9.07
C SER B 154 -5.71 13.95 10.19
N TYR B 155 -5.63 15.25 10.44
CA TYR B 155 -4.76 15.80 11.45
C TYR B 155 -5.11 15.21 12.78
N ILE B 156 -6.38 15.00 13.02
CA ILE B 156 -6.84 14.48 14.28
C ILE B 156 -6.38 13.06 14.60
N PRO B 157 -6.58 12.09 13.72
CA PRO B 157 -5.99 10.77 13.93
C PRO B 157 -4.48 10.79 13.87
N ASN B 158 -3.95 11.58 12.97
CA ASN B 158 -2.51 11.72 12.83
C ASN B 158 -1.74 12.39 13.96
N TYR B 159 -2.30 13.43 14.56
CA TYR B 159 -1.59 14.12 15.59
C TYR B 159 -2.20 14.13 16.98
N LEU B 160 -3.48 14.47 17.12
CA LEU B 160 -4.13 14.43 18.42
C LEU B 160 -4.52 13.11 19.13
N LEU B 161 -5.18 12.20 18.46
CA LEU B 161 -5.70 11.01 19.09
C LEU B 161 -4.66 10.09 19.73
N PRO B 162 -3.46 10.00 19.20
CA PRO B 162 -2.47 9.09 19.76
C PRO B 162 -1.95 9.47 21.13
N LYS B 163 -2.15 10.69 21.57
CA LYS B 163 -1.58 11.14 22.83
C LYS B 163 -2.14 10.38 24.01
N THR B 164 -1.31 10.15 25.00
CA THR B 164 -1.69 9.38 26.15
C THR B 164 -1.41 10.20 27.38
N GLN B 165 -1.95 9.78 28.50
CA GLN B 165 -1.69 10.44 29.75
C GLN B 165 -0.24 10.19 30.13
N PRO B 166 0.40 11.18 30.73
CA PRO B 166 -0.26 12.40 31.17
C PRO B 166 -0.23 13.56 30.20
N GLU B 167 0.31 13.43 29.00
CA GLU B 167 0.30 14.53 28.07
C GLU B 167 -1.14 14.89 27.76
N LEU B 168 -1.97 13.90 27.54
CA LEU B 168 -3.37 14.14 27.37
C LEU B 168 -4.02 14.44 28.70
N GLN B 169 -4.76 15.54 28.75
CA GLN B 169 -5.54 15.88 29.92
C GLN B 169 -7.04 15.77 29.74
N TRP B 170 -7.57 16.36 28.67
CA TRP B 170 -8.98 16.36 28.36
C TRP B 170 -9.20 16.65 26.88
N ALA B 171 -10.36 16.31 26.35
CA ALA B 171 -10.77 16.78 25.02
C ALA B 171 -12.27 16.90 24.81
N TRP B 172 -12.68 17.80 23.94
CA TRP B 172 -14.06 18.06 23.66
C TRP B 172 -14.34 18.06 22.16
N THR B 173 -15.43 17.47 21.71
CA THR B 173 -15.73 17.49 20.29
C THR B 173 -17.16 17.64 19.74
N ASN B 174 -17.28 18.35 18.62
CA ASN B 174 -18.45 18.39 17.72
C ASN B 174 -18.79 17.11 16.97
N MET B 175 -17.77 16.36 16.59
CA MET B 175 -17.86 15.33 15.56
C MET B 175 -18.23 13.95 16.02
N GLU B 176 -19.23 13.39 15.37
CA GLU B 176 -19.86 12.18 15.82
C GLU B 176 -18.86 11.07 15.91
N GLN B 177 -17.93 11.05 14.99
CA GLN B 177 -16.94 10.00 14.91
C GLN B 177 -16.09 9.98 16.15
N TYR B 178 -15.77 11.15 16.65
CA TYR B 178 -14.82 11.25 17.72
C TYR B 178 -15.40 11.45 19.10
N LEU B 179 -16.72 11.42 19.21
CA LEU B 179 -17.32 11.75 20.47
C LEU B 179 -16.91 10.80 21.55
N SER B 180 -17.01 9.52 21.28
CA SER B 180 -16.62 8.55 22.26
C SER B 180 -15.14 8.53 22.47
N ALA B 181 -14.42 9.03 21.49
CA ALA B 181 -12.98 9.08 21.53
C ALA B 181 -12.42 9.97 22.62
N CYS B 182 -13.10 11.05 22.91
CA CYS B 182 -12.50 12.18 23.53
C CYS B 182 -11.84 11.82 24.82
N LEU B 183 -12.49 11.00 25.62
CA LEU B 183 -11.92 10.59 26.87
C LEU B 183 -11.64 9.12 27.03
N ASN B 184 -11.64 8.35 25.95
CA ASN B 184 -11.33 6.94 26.08
C ASN B 184 -10.11 6.54 25.29
N LEU B 185 -9.10 6.08 25.98
CA LEU B 185 -7.85 5.71 25.39
C LEU B 185 -8.02 4.54 24.46
N THR B 186 -8.81 3.58 24.90
CA THR B 186 -9.01 2.37 24.14
C THR B 186 -9.65 2.71 22.82
N GLU B 187 -10.64 3.56 22.84
CA GLU B 187 -11.28 3.97 21.62
C GLU B 187 -10.28 4.69 20.77
N ARG B 188 -9.41 5.45 21.40
CA ARG B 188 -8.46 6.23 20.65
C ARG B 188 -7.57 5.31 19.86
N LYS B 189 -7.08 4.26 20.49
CA LYS B 189 -6.16 3.35 19.86
C LYS B 189 -6.81 2.68 18.68
N ARG B 190 -8.06 2.28 18.84
CA ARG B 190 -8.79 1.63 17.76
C ARG B 190 -8.96 2.51 16.56
N LEU B 191 -9.32 3.76 16.76
CA LEU B 191 -9.47 4.67 15.66
C LEU B 191 -8.16 4.93 14.93
N VAL B 192 -7.07 5.00 15.66
CA VAL B 192 -5.79 5.22 15.05
C VAL B 192 -5.43 4.07 14.16
N ALA B 193 -5.64 2.86 14.64
CA ALA B 193 -5.36 1.67 13.89
C ALA B 193 -6.20 1.61 12.65
N GLN B 194 -7.45 1.98 12.77
CA GLN B 194 -8.30 1.94 11.63
C GLN B 194 -7.80 2.89 10.59
N HIS B 195 -7.35 4.06 11.01
CA HIS B 195 -6.81 4.99 10.06
C HIS B 195 -5.54 4.50 9.36
N LEU B 196 -4.63 3.95 10.12
CA LEU B 196 -3.40 3.45 9.55
C LEU B 196 -3.65 2.28 8.61
N THR B 197 -4.60 1.44 8.97
CA THR B 197 -4.95 0.29 8.17
C THR B 197 -5.46 0.73 6.82
N HIS B 198 -6.32 1.72 6.81
CA HIS B 198 -6.81 2.22 5.58
C HIS B 198 -5.70 2.79 4.74
N VAL B 199 -4.74 3.40 5.38
CA VAL B 199 -3.62 3.97 4.69
C VAL B 199 -2.83 2.88 4.02
N SER B 200 -2.63 1.80 4.76
CA SER B 200 -1.87 0.68 4.31
C SER B 200 -2.47 0.03 3.07
N GLN B 201 -3.77 -0.19 3.10
CA GLN B 201 -4.51 -0.75 1.99
C GLN B 201 -4.54 0.14 0.79
N THR B 202 -4.45 1.43 1.01
CA THR B 202 -4.55 2.35 -0.09
C THR B 202 -3.23 2.56 -0.75
N GLN B 203 -2.17 2.21 -0.06
CA GLN B 203 -0.87 2.15 -0.69
C GLN B 203 -0.97 1.11 -1.82
N GLU B 204 -1.96 0.23 -1.73
CA GLU B 204 -2.25 -0.76 -2.76
C GLU B 204 -3.66 -0.58 -3.34
N HIS C 3 -1.47 6.81 -41.26
CA HIS C 3 -2.73 6.27 -40.79
C HIS C 3 -3.52 5.66 -41.92
N MET C 4 -2.84 5.32 -43.00
CA MET C 4 -3.42 4.64 -44.15
C MET C 4 -3.92 3.21 -43.90
N PRO C 5 -3.16 2.39 -43.18
CA PRO C 5 -3.52 0.97 -43.08
C PRO C 5 -4.80 0.76 -42.34
N GLY C 6 -5.57 -0.20 -42.82
CA GLY C 6 -6.74 -0.70 -42.13
C GLY C 6 -6.48 -1.77 -41.08
N PHE C 7 -7.51 -2.16 -40.35
CA PHE C 7 -7.40 -3.19 -39.32
C PHE C 7 -8.21 -4.45 -39.61
N TYR C 8 -7.60 -5.61 -39.48
CA TYR C 8 -8.35 -6.84 -39.39
C TYR C 8 -8.98 -6.96 -38.00
N GLU C 9 -10.07 -7.68 -37.87
CA GLU C 9 -10.65 -7.98 -36.57
C GLU C 9 -10.74 -9.46 -36.28
N ILE C 10 -10.22 -9.87 -35.14
CA ILE C 10 -10.34 -11.23 -34.69
C ILE C 10 -11.08 -11.28 -33.35
N VAL C 11 -12.12 -12.08 -33.26
CA VAL C 11 -12.84 -12.21 -32.02
C VAL C 11 -12.56 -13.53 -31.33
N ILE C 12 -12.06 -13.45 -30.11
CA ILE C 12 -11.66 -14.61 -29.36
C ILE C 12 -12.42 -14.77 -28.05
N LYS C 13 -13.09 -15.88 -27.91
CA LYS C 13 -13.72 -16.26 -26.66
C LYS C 13 -12.73 -16.71 -25.59
N VAL C 14 -13.01 -16.34 -24.36
CA VAL C 14 -12.12 -16.59 -23.25
C VAL C 14 -12.69 -17.51 -22.20
N PRO C 15 -12.01 -18.59 -21.85
CA PRO C 15 -12.53 -19.54 -20.87
C PRO C 15 -12.72 -18.94 -19.50
N SER C 16 -13.84 -19.24 -18.89
CA SER C 16 -14.13 -18.80 -17.54
C SER C 16 -14.54 -19.91 -16.60
N ASP C 17 -14.93 -21.05 -17.12
CA ASP C 17 -15.32 -22.19 -16.32
C ASP C 17 -14.36 -23.31 -16.65
N LEU C 18 -13.50 -23.67 -15.72
CA LEU C 18 -12.31 -24.41 -16.07
C LEU C 18 -12.43 -25.78 -16.71
N ASP C 19 -13.07 -26.73 -16.06
CA ASP C 19 -13.31 -28.01 -16.71
C ASP C 19 -14.35 -28.04 -17.81
N GLU C 20 -15.30 -27.12 -17.77
CA GLU C 20 -16.21 -26.93 -18.86
C GLU C 20 -15.57 -26.38 -20.14
N HIS C 21 -14.68 -25.42 -20.03
CA HIS C 21 -14.05 -24.82 -21.18
C HIS C 21 -12.72 -25.41 -21.62
N LEU C 22 -11.96 -25.89 -20.65
CA LEU C 22 -10.64 -26.43 -20.85
C LEU C 22 -10.50 -27.76 -20.14
N PRO C 23 -11.18 -28.78 -20.60
CA PRO C 23 -11.24 -30.01 -19.80
C PRO C 23 -9.92 -30.73 -19.65
N GLY C 24 -9.58 -31.01 -18.40
CA GLY C 24 -8.39 -31.72 -18.05
C GLY C 24 -7.08 -31.01 -18.16
N ILE C 25 -7.13 -29.71 -18.17
CA ILE C 25 -5.93 -28.93 -18.23
C ILE C 25 -5.15 -29.12 -16.94
N SER C 26 -3.86 -28.91 -16.99
CA SER C 26 -2.94 -29.27 -15.94
C SER C 26 -3.07 -28.45 -14.67
N ASP C 27 -2.61 -29.04 -13.58
CA ASP C 27 -2.64 -28.43 -12.27
C ASP C 27 -1.83 -27.17 -12.24
N SER C 28 -0.74 -27.14 -12.99
CA SER C 28 0.10 -25.96 -13.04
C SER C 28 -0.64 -24.79 -13.64
N PHE C 29 -1.44 -25.05 -14.64
CA PHE C 29 -2.26 -24.02 -15.21
C PHE C 29 -3.23 -23.48 -14.17
N VAL C 30 -3.85 -24.36 -13.42
CA VAL C 30 -4.74 -23.96 -12.37
C VAL C 30 -4.05 -23.13 -11.30
N ASN C 31 -2.86 -23.53 -10.92
CA ASN C 31 -2.11 -22.80 -9.94
C ASN C 31 -1.73 -21.39 -10.42
N TRP C 32 -1.41 -21.25 -11.69
CA TRP C 32 -1.10 -19.97 -12.27
C TRP C 32 -2.29 -19.05 -12.20
N VAL C 33 -3.45 -19.57 -12.54
CA VAL C 33 -4.67 -18.83 -12.46
C VAL C 33 -4.96 -18.44 -11.02
N ALA C 34 -4.76 -19.38 -10.11
CA ALA C 34 -5.01 -19.14 -8.71
C ALA C 34 -4.13 -18.10 -8.05
N GLU C 35 -2.87 -18.05 -8.36
CA GLU C 35 -1.96 -17.08 -7.79
C GLU C 35 -2.13 -15.66 -8.28
N LYS C 36 -2.68 -15.47 -9.46
CA LYS C 36 -2.68 -14.19 -10.10
C LYS C 36 -3.47 -13.11 -9.40
N GLU C 37 -2.94 -11.90 -9.36
CA GLU C 37 -3.67 -10.74 -8.90
C GLU C 37 -3.45 -9.52 -9.79
N TRP C 38 -4.50 -8.78 -10.03
CA TRP C 38 -4.39 -7.61 -10.86
C TRP C 38 -4.90 -6.39 -10.16
N GLU C 39 -4.23 -5.28 -10.38
CA GLU C 39 -4.66 -4.01 -9.87
C GLU C 39 -4.78 -3.00 -10.98
N LEU C 40 -5.73 -2.11 -10.83
CA LEU C 40 -5.90 -1.02 -11.75
C LEU C 40 -4.76 -0.06 -11.57
N PRO C 41 -4.35 0.60 -12.63
CA PRO C 41 -3.36 1.66 -12.52
C PRO C 41 -3.97 2.90 -11.90
N PRO C 42 -3.15 3.77 -11.34
CA PRO C 42 -3.66 4.90 -10.55
C PRO C 42 -4.57 5.81 -11.37
N ASP C 43 -4.34 5.91 -12.66
CA ASP C 43 -5.17 6.73 -13.52
C ASP C 43 -6.60 6.29 -13.57
N SER C 44 -6.85 5.01 -13.44
CA SER C 44 -8.16 4.51 -13.71
C SER C 44 -9.24 4.94 -12.75
N ASP C 45 -10.41 5.16 -13.28
CA ASP C 45 -11.60 5.44 -12.51
C ASP C 45 -12.52 4.26 -12.49
N MET C 46 -12.01 3.13 -12.94
CA MET C 46 -12.79 1.91 -13.00
C MET C 46 -12.99 1.26 -11.64
N ASP C 47 -14.08 0.53 -11.47
CA ASP C 47 -14.31 -0.18 -10.23
C ASP C 47 -13.80 -1.61 -10.31
N LEU C 48 -12.74 -1.89 -9.58
CA LEU C 48 -12.07 -3.17 -9.61
C LEU C 48 -12.94 -4.31 -9.18
N ASN C 49 -13.94 -4.00 -8.39
CA ASN C 49 -14.85 -5.01 -7.89
C ASN C 49 -15.65 -5.65 -8.98
N LEU C 50 -15.80 -4.96 -10.08
CA LEU C 50 -16.58 -5.49 -11.18
C LEU C 50 -15.74 -6.23 -12.21
N ILE C 51 -14.45 -6.32 -11.99
CA ILE C 51 -13.57 -7.03 -12.88
C ILE C 51 -13.29 -8.42 -12.39
N GLU C 52 -13.50 -9.41 -13.23
CA GLU C 52 -13.36 -10.78 -12.81
C GLU C 52 -11.94 -11.25 -12.99
N GLN C 53 -11.27 -11.52 -11.91
CA GLN C 53 -9.85 -11.81 -11.95
C GLN C 53 -9.36 -13.03 -12.71
N ALA C 54 -10.05 -14.16 -12.60
CA ALA C 54 -9.59 -15.34 -13.27
C ALA C 54 -9.65 -15.29 -14.79
N PRO C 55 -10.77 -14.88 -15.36
CA PRO C 55 -10.84 -14.71 -16.81
C PRO C 55 -9.87 -13.63 -17.26
N LEU C 56 -9.66 -12.61 -16.48
CA LEU C 56 -8.74 -11.56 -16.85
C LEU C 56 -7.33 -12.09 -17.00
N THR C 57 -6.94 -13.00 -16.15
CA THR C 57 -5.64 -13.60 -16.20
C THR C 57 -5.40 -14.34 -17.48
N VAL C 58 -6.36 -15.13 -17.90
CA VAL C 58 -6.30 -15.82 -19.16
C VAL C 58 -6.28 -14.88 -20.37
N ALA C 59 -7.12 -13.88 -20.34
CA ALA C 59 -7.24 -12.93 -21.41
C ALA C 59 -5.97 -12.15 -21.63
N GLU C 60 -5.34 -11.73 -20.55
CA GLU C 60 -4.15 -10.95 -20.61
C GLU C 60 -3.04 -11.70 -21.28
N LYS C 61 -2.82 -12.94 -20.92
CA LYS C 61 -1.88 -13.77 -21.61
C LYS C 61 -2.27 -14.07 -23.06
N LEU C 62 -3.55 -14.28 -23.28
CA LEU C 62 -4.03 -14.63 -24.59
C LEU C 62 -3.79 -13.53 -25.61
N GLN C 63 -4.13 -12.30 -25.27
CA GLN C 63 -3.89 -11.19 -26.17
C GLN C 63 -2.41 -11.01 -26.43
N ARG C 64 -1.61 -11.16 -25.39
CA ARG C 64 -0.18 -11.02 -25.49
C ARG C 64 0.44 -12.06 -26.39
N ASP C 65 0.08 -13.31 -26.20
CA ASP C 65 0.58 -14.37 -27.05
C ASP C 65 0.12 -14.22 -28.49
N PHE C 66 -1.12 -13.81 -28.71
CA PHE C 66 -1.57 -13.62 -30.07
C PHE C 66 -0.79 -12.53 -30.77
N LEU C 67 -0.61 -11.39 -30.13
CA LEU C 67 0.08 -10.29 -30.72
C LEU C 67 1.50 -10.68 -31.02
N THR C 68 2.09 -11.47 -30.16
CA THR C 68 3.42 -11.93 -30.37
C THR C 68 3.50 -12.79 -31.61
N GLU C 69 2.60 -13.72 -31.74
CA GLU C 69 2.55 -14.58 -32.89
C GLU C 69 2.27 -13.86 -34.20
N TRP C 70 1.41 -12.84 -34.14
CA TRP C 70 1.05 -12.03 -35.28
C TRP C 70 2.21 -11.25 -35.84
N ARG C 71 2.99 -10.65 -34.96
CA ARG C 71 4.11 -9.83 -35.32
C ARG C 71 5.14 -10.66 -36.06
N ARG C 72 5.24 -11.94 -35.74
CA ARG C 72 6.08 -12.83 -36.50
C ARG C 72 5.70 -13.17 -37.93
N VAL C 73 4.45 -13.56 -38.15
CA VAL C 73 3.99 -13.81 -39.50
C VAL C 73 3.93 -12.54 -40.33
N SER C 74 3.54 -11.45 -39.71
CA SER C 74 3.49 -10.14 -40.34
C SER C 74 4.81 -9.49 -40.70
N LYS C 75 5.83 -9.72 -39.89
CA LYS C 75 7.05 -8.96 -39.97
C LYS C 75 6.77 -7.50 -39.74
N ALA C 76 5.82 -7.20 -38.88
CA ALA C 76 5.55 -5.82 -38.54
C ALA C 76 5.56 -5.60 -37.04
N PRO C 77 6.73 -5.48 -36.45
CA PRO C 77 6.86 -5.43 -35.01
C PRO C 77 6.17 -4.25 -34.41
N GLU C 78 6.01 -3.21 -35.19
CA GLU C 78 5.49 -1.97 -34.67
C GLU C 78 4.07 -1.72 -35.06
N ALA C 79 3.41 -2.73 -35.60
CA ALA C 79 2.07 -2.57 -36.10
C ALA C 79 1.10 -2.20 -35.00
N LEU C 80 0.18 -1.31 -35.30
CA LEU C 80 -0.78 -0.86 -34.33
C LEU C 80 -1.87 -1.86 -34.01
N PHE C 81 -2.31 -1.89 -32.76
CA PHE C 81 -3.37 -2.77 -32.32
C PHE C 81 -4.21 -2.15 -31.24
N PHE C 82 -5.43 -2.61 -31.08
CA PHE C 82 -6.24 -2.31 -29.93
C PHE C 82 -7.04 -3.55 -29.54
N VAL C 83 -6.96 -3.94 -28.28
CA VAL C 83 -7.63 -5.11 -27.76
C VAL C 83 -8.56 -4.78 -26.63
N GLN C 84 -9.81 -5.17 -26.72
CA GLN C 84 -10.74 -4.98 -25.62
C GLN C 84 -11.32 -6.28 -25.12
N PHE C 85 -11.24 -6.49 -23.83
CA PHE C 85 -11.73 -7.68 -23.18
C PHE C 85 -13.09 -7.39 -22.56
N GLU C 86 -14.05 -8.22 -22.85
CA GLU C 86 -15.43 -7.96 -22.51
C GLU C 86 -16.12 -9.13 -21.86
N LYS C 87 -17.17 -8.84 -21.12
CA LYS C 87 -18.02 -9.88 -20.62
C LYS C 87 -19.36 -9.79 -21.32
N GLY C 88 -19.67 -10.81 -22.10
CA GLY C 88 -20.91 -10.91 -22.81
C GLY C 88 -21.99 -11.59 -22.02
N GLU C 89 -23.13 -11.77 -22.62
CA GLU C 89 -24.25 -12.44 -22.02
C GLU C 89 -23.98 -13.90 -21.78
N SER C 90 -23.33 -14.53 -22.74
CA SER C 90 -22.93 -15.92 -22.64
C SER C 90 -21.46 -16.18 -22.35
N TYR C 91 -20.56 -15.41 -22.94
CA TYR C 91 -19.14 -15.68 -22.78
C TYR C 91 -18.30 -14.44 -22.58
N PHE C 92 -17.18 -14.58 -21.91
CA PHE C 92 -16.12 -13.61 -21.94
C PHE C 92 -15.44 -13.68 -23.30
N HIS C 93 -15.09 -12.53 -23.86
CA HIS C 93 -14.48 -12.51 -25.16
C HIS C 93 -13.64 -11.27 -25.40
N MET C 94 -12.79 -11.31 -26.39
CA MET C 94 -11.99 -10.17 -26.71
C MET C 94 -12.07 -9.79 -28.18
N HIS C 95 -12.02 -8.51 -28.44
CA HIS C 95 -11.96 -8.01 -29.77
C HIS C 95 -10.54 -7.65 -30.03
N VAL C 96 -9.96 -8.24 -31.04
CA VAL C 96 -8.62 -7.90 -31.39
C VAL C 96 -8.55 -7.17 -32.71
N LEU C 97 -8.09 -5.93 -32.66
CA LEU C 97 -7.91 -5.14 -33.84
C LEU C 97 -6.45 -4.94 -34.15
N VAL C 98 -6.05 -5.39 -35.30
CA VAL C 98 -4.68 -5.32 -35.66
C VAL C 98 -4.51 -4.89 -37.11
N GLU C 99 -3.47 -4.11 -37.38
CA GLU C 99 -3.22 -3.56 -38.70
C GLU C 99 -2.94 -4.62 -39.74
N THR C 100 -3.41 -4.39 -40.95
CA THR C 100 -3.30 -5.32 -42.06
C THR C 100 -1.89 -5.53 -42.57
N THR C 101 -0.98 -4.66 -42.19
CA THR C 101 0.32 -4.66 -42.80
C THR C 101 1.06 -5.96 -42.66
N GLY C 102 1.58 -6.45 -43.76
CA GLY C 102 2.39 -7.63 -43.77
C GLY C 102 1.60 -8.89 -43.94
N VAL C 103 0.29 -8.78 -43.95
CA VAL C 103 -0.56 -9.93 -44.21
C VAL C 103 -1.59 -9.65 -45.28
N LYS C 104 -1.39 -10.19 -46.46
CA LYS C 104 -2.39 -10.09 -47.51
C LYS C 104 -3.60 -10.93 -47.22
N SER C 105 -4.74 -10.41 -47.64
CA SER C 105 -6.03 -10.92 -47.29
C SER C 105 -6.16 -12.35 -47.77
N MET C 106 -5.51 -12.63 -48.87
CA MET C 106 -5.54 -13.93 -49.48
C MET C 106 -4.94 -14.98 -48.57
N VAL C 107 -3.91 -14.62 -47.84
CA VAL C 107 -3.25 -15.57 -46.96
C VAL C 107 -3.66 -15.53 -45.50
N LEU C 108 -4.54 -14.62 -45.12
CA LEU C 108 -4.83 -14.37 -43.73
C LEU C 108 -5.42 -15.59 -43.04
N GLY C 109 -6.30 -16.31 -43.68
CA GLY C 109 -6.93 -17.44 -43.08
C GLY C 109 -5.96 -18.52 -42.72
N ARG C 110 -5.01 -18.75 -43.61
CA ARG C 110 -3.96 -19.71 -43.40
C ARG C 110 -3.07 -19.33 -42.24
N PHE C 111 -2.67 -18.08 -42.17
CA PHE C 111 -1.89 -17.61 -41.08
C PHE C 111 -2.65 -17.67 -39.77
N LEU C 112 -3.90 -17.28 -39.75
CA LEU C 112 -4.66 -17.23 -38.51
C LEU C 112 -4.82 -18.61 -37.91
N SER C 113 -5.02 -19.58 -38.77
CA SER C 113 -5.14 -20.93 -38.33
C SER C 113 -3.86 -21.48 -37.72
N GLN C 114 -2.73 -21.03 -38.22
CA GLN C 114 -1.45 -21.37 -37.64
C GLN C 114 -1.29 -20.80 -36.27
N ILE C 115 -1.70 -19.57 -36.10
CA ILE C 115 -1.71 -18.91 -34.83
C ILE C 115 -2.66 -19.59 -33.84
N ARG C 116 -3.81 -20.02 -34.31
CA ARG C 116 -4.76 -20.60 -33.42
C ARG C 116 -4.16 -21.85 -32.81
N GLU C 117 -3.48 -22.63 -33.63
CA GLU C 117 -2.83 -23.84 -33.20
C GLU C 117 -1.71 -23.60 -32.19
N LYS C 118 -0.97 -22.53 -32.37
CA LYS C 118 0.03 -22.16 -31.42
C LYS C 118 -0.55 -21.80 -30.07
N LEU C 119 -1.66 -21.11 -30.04
CA LEU C 119 -2.28 -20.74 -28.80
C LEU C 119 -2.70 -21.97 -28.05
N ILE C 120 -3.20 -22.94 -28.78
CA ILE C 120 -3.66 -24.15 -28.19
C ILE C 120 -2.53 -24.92 -27.53
N GLN C 121 -1.42 -25.02 -28.23
CA GLN C 121 -0.24 -25.65 -27.70
C GLN C 121 0.40 -24.94 -26.52
N ARG C 122 0.41 -23.62 -26.48
CA ARG C 122 1.09 -22.92 -25.41
C ARG C 122 0.25 -22.49 -24.22
N ILE C 123 -0.61 -21.49 -24.39
CA ILE C 123 -1.41 -21.07 -23.30
C ILE C 123 -2.36 -22.14 -22.80
N TYR C 124 -2.98 -22.88 -23.69
CA TYR C 124 -3.90 -23.90 -23.28
C TYR C 124 -3.27 -25.26 -23.06
N ARG C 125 -1.97 -25.31 -23.22
CA ARG C 125 -1.18 -26.45 -22.78
C ARG C 125 -1.66 -27.73 -23.40
N GLY C 126 -2.01 -27.63 -24.66
CA GLY C 126 -2.52 -28.73 -25.43
C GLY C 126 -3.99 -29.07 -25.40
N ILE C 127 -4.78 -28.32 -24.67
CA ILE C 127 -6.20 -28.56 -24.60
C ILE C 127 -6.98 -27.64 -25.52
N GLU C 128 -7.72 -28.22 -26.43
CA GLU C 128 -8.54 -27.42 -27.29
C GLU C 128 -9.76 -26.90 -26.54
N PRO C 129 -10.03 -25.62 -26.61
CA PRO C 129 -11.17 -25.05 -25.92
C PRO C 129 -12.50 -25.54 -26.46
N THR C 130 -13.44 -25.72 -25.57
CA THR C 130 -14.74 -26.23 -25.92
C THR C 130 -15.66 -25.17 -26.39
N LEU C 131 -15.28 -23.94 -26.17
CA LEU C 131 -16.08 -22.83 -26.55
C LEU C 131 -16.34 -22.85 -28.04
N PRO C 132 -17.58 -22.65 -28.42
CA PRO C 132 -17.95 -22.67 -29.82
C PRO C 132 -17.45 -21.46 -30.62
N ASN C 133 -16.91 -21.73 -31.79
CA ASN C 133 -16.48 -20.69 -32.70
C ASN C 133 -15.57 -19.70 -31.99
N TRP C 134 -14.64 -20.19 -31.19
CA TRP C 134 -13.83 -19.38 -30.29
C TRP C 134 -12.78 -18.47 -30.91
N PHE C 135 -12.39 -18.70 -32.15
CA PHE C 135 -11.38 -17.93 -32.80
C PHE C 135 -11.87 -17.57 -34.18
N ALA C 136 -12.41 -16.38 -34.35
CA ALA C 136 -13.03 -16.02 -35.61
C ALA C 136 -12.67 -14.67 -36.19
N VAL C 137 -12.15 -14.68 -37.41
CA VAL C 137 -11.93 -13.48 -38.16
C VAL C 137 -13.24 -12.89 -38.66
N THR C 138 -13.38 -11.59 -38.66
CA THR C 138 -14.58 -10.96 -39.15
C THR C 138 -14.63 -10.92 -40.67
N LYS C 139 -15.70 -11.46 -41.24
CA LYS C 139 -15.83 -11.65 -42.67
C LYS C 139 -16.70 -10.62 -43.32
N THR C 140 -16.49 -10.39 -44.61
CA THR C 140 -17.41 -9.60 -45.40
C THR C 140 -17.67 -10.17 -46.79
N ARG C 141 -18.90 -10.11 -47.24
CA ARG C 141 -19.32 -10.71 -48.50
C ARG C 141 -19.16 -9.78 -49.68
N ASN C 142 -17.99 -9.21 -49.85
CA ASN C 142 -17.74 -8.24 -50.91
C ASN C 142 -16.28 -8.19 -51.34
N ALA C 144 -15.21 -10.26 -55.68
CA ALA C 144 -13.85 -10.63 -55.96
C ALA C 144 -12.89 -9.97 -54.99
N GLY C 145 -11.96 -10.74 -54.45
CA GLY C 145 -11.01 -10.25 -53.49
C GLY C 145 -11.00 -11.19 -52.30
N GLY C 146 -10.43 -10.73 -51.19
CA GLY C 146 -10.53 -11.46 -49.95
C GLY C 146 -11.89 -11.19 -49.32
N GLY C 147 -12.34 -12.12 -48.48
CA GLY C 147 -13.61 -12.04 -47.80
C GLY C 147 -13.47 -11.48 -46.41
N ASN C 148 -12.29 -10.99 -46.11
CA ASN C 148 -12.01 -10.52 -44.79
C ASN C 148 -12.22 -9.04 -44.64
N LYS C 149 -12.95 -8.67 -43.61
CA LYS C 149 -13.30 -7.29 -43.34
C LYS C 149 -12.12 -6.48 -42.97
N VAL C 150 -12.07 -5.27 -43.48
CA VAL C 150 -11.10 -4.30 -43.07
C VAL C 150 -11.81 -3.07 -42.58
N VAL C 151 -11.41 -2.57 -41.44
CA VAL C 151 -12.05 -1.41 -40.90
C VAL C 151 -11.00 -0.39 -40.62
N ASP C 152 -11.42 0.87 -40.52
CA ASP C 152 -10.54 1.93 -40.10
C ASP C 152 -10.66 2.18 -38.62
N GLU C 153 -9.84 3.07 -38.12
CA GLU C 153 -9.70 3.29 -36.69
C GLU C 153 -10.97 3.82 -36.12
N SER C 154 -11.86 4.22 -37.01
CA SER C 154 -13.11 4.83 -36.66
C SER C 154 -13.87 3.86 -35.80
N TYR C 155 -13.59 2.60 -36.04
CA TYR C 155 -14.29 1.48 -35.44
C TYR C 155 -14.15 1.49 -33.93
N ILE C 156 -13.00 1.84 -33.42
CA ILE C 156 -12.78 1.79 -32.00
C ILE C 156 -13.65 2.74 -31.18
N PRO C 157 -13.65 4.02 -31.49
CA PRO C 157 -14.56 4.94 -30.83
C PRO C 157 -16.02 4.66 -31.10
N ASN C 158 -16.34 4.26 -32.30
CA ASN C 158 -17.71 3.97 -32.64
C ASN C 158 -18.29 2.78 -31.93
N TYR C 159 -17.58 1.69 -31.89
CA TYR C 159 -18.10 0.50 -31.23
C TYR C 159 -17.46 0.11 -29.90
N LEU C 160 -16.15 0.03 -29.83
CA LEU C 160 -15.49 -0.38 -28.59
C LEU C 160 -15.52 0.54 -27.36
N LEU C 161 -15.18 1.80 -27.55
CA LEU C 161 -15.03 2.74 -26.47
C LEU C 161 -16.30 2.99 -25.67
N PRO C 162 -17.44 2.92 -26.31
CA PRO C 162 -18.72 3.18 -25.67
C PRO C 162 -19.09 2.21 -24.56
N LYS C 163 -18.48 1.04 -24.51
CA LYS C 163 -18.84 0.04 -23.53
C LYS C 163 -18.50 0.44 -22.09
N THR C 164 -19.34 0.05 -21.16
CA THR C 164 -19.11 0.37 -19.78
C THR C 164 -19.16 -0.87 -18.92
N GLN C 165 -18.64 -0.75 -17.72
CA GLN C 165 -18.60 -1.84 -16.80
C GLN C 165 -20.02 -2.18 -16.51
N PRO C 166 -20.35 -3.44 -16.36
CA PRO C 166 -19.37 -4.52 -16.33
C PRO C 166 -19.12 -5.17 -17.67
N GLU C 167 -19.73 -4.70 -18.72
CA GLU C 167 -19.52 -5.31 -20.01
C GLU C 167 -18.06 -5.17 -20.32
N LEU C 168 -17.50 -4.01 -20.04
CA LEU C 168 -16.10 -3.78 -20.23
C LEU C 168 -15.30 -4.40 -19.10
N GLN C 169 -14.23 -5.10 -19.42
CA GLN C 169 -13.35 -5.64 -18.41
C GLN C 169 -11.94 -5.09 -18.38
N TRP C 170 -11.29 -5.05 -19.53
CA TRP C 170 -9.94 -4.52 -19.64
C TRP C 170 -9.67 -4.15 -21.09
N ALA C 171 -8.67 -3.33 -21.32
CA ALA C 171 -8.22 -3.03 -22.66
C ALA C 171 -6.74 -2.75 -22.72
N TRP C 172 -6.15 -3.06 -23.86
CA TRP C 172 -4.76 -2.79 -24.11
C TRP C 172 -4.61 -2.17 -25.48
N THR C 173 -3.65 -1.27 -25.62
CA THR C 173 -3.34 -0.71 -26.90
C THR C 173 -1.96 -0.11 -26.96
N ASN C 174 -1.43 0.00 -28.16
CA ASN C 174 -0.25 0.80 -28.39
C ASN C 174 -0.54 2.05 -29.21
N MET C 175 -1.80 2.40 -29.35
CA MET C 175 -2.18 3.57 -30.13
C MET C 175 -2.30 4.80 -29.26
N GLU C 176 -1.54 5.84 -29.59
CA GLU C 176 -1.29 6.93 -28.67
C GLU C 176 -2.55 7.62 -28.25
N GLN C 177 -3.47 7.77 -29.17
CA GLN C 177 -4.70 8.44 -28.84
C GLN C 177 -5.49 7.70 -27.78
N TYR C 178 -5.32 6.39 -27.73
CA TYR C 178 -6.13 5.57 -26.87
C TYR C 178 -5.51 5.06 -25.59
N LEU C 179 -4.25 5.35 -25.37
CA LEU C 179 -3.60 4.76 -24.23
C LEU C 179 -4.31 5.15 -22.97
N SER C 180 -4.65 6.40 -22.84
CA SER C 180 -5.37 6.88 -21.68
C SER C 180 -6.75 6.28 -21.56
N ALA C 181 -7.44 6.12 -22.68
CA ALA C 181 -8.80 5.64 -22.72
C ALA C 181 -9.05 4.21 -22.25
N CYS C 182 -8.02 3.39 -22.28
CA CYS C 182 -8.17 1.98 -22.18
C CYS C 182 -8.85 1.64 -20.91
N LEU C 183 -8.36 2.18 -19.81
CA LEU C 183 -8.94 1.94 -18.52
C LEU C 183 -9.67 3.13 -17.86
N ASN C 184 -9.96 4.19 -18.61
CA ASN C 184 -10.64 5.32 -18.02
C ASN C 184 -11.99 5.64 -18.64
N LEU C 185 -13.04 5.52 -17.87
CA LEU C 185 -14.36 5.75 -18.39
C LEU C 185 -14.62 7.17 -18.87
N THR C 186 -14.16 8.18 -18.14
CA THR C 186 -14.37 9.56 -18.56
C THR C 186 -13.68 9.92 -19.86
N GLU C 187 -12.44 9.47 -20.00
CA GLU C 187 -11.69 9.76 -21.20
C GLU C 187 -12.41 9.12 -22.34
N ARG C 188 -12.99 7.97 -22.10
CA ARG C 188 -13.73 7.26 -23.10
C ARG C 188 -14.92 8.05 -23.56
N LYS C 189 -15.57 8.70 -22.61
CA LYS C 189 -16.74 9.50 -22.91
C LYS C 189 -16.34 10.64 -23.84
N ARG C 190 -15.17 11.19 -23.59
CA ARG C 190 -14.68 12.33 -24.34
C ARG C 190 -14.49 11.98 -25.78
N LEU C 191 -13.85 10.85 -26.02
CA LEU C 191 -13.60 10.43 -27.37
C LEU C 191 -14.85 10.13 -28.14
N VAL C 192 -15.81 9.50 -27.49
CA VAL C 192 -17.05 9.18 -28.14
C VAL C 192 -17.68 10.47 -28.62
N ALA C 193 -17.70 11.46 -27.76
CA ALA C 193 -18.28 12.74 -28.12
C ALA C 193 -17.59 13.27 -29.35
N GLN C 194 -16.28 13.36 -29.28
CA GLN C 194 -15.45 13.84 -30.36
C GLN C 194 -15.58 12.99 -31.62
C1 IPA D . 14.67 -31.27 6.42
C2 IPA D . 15.00 -30.60 7.76
C3 IPA D . 15.84 -29.36 7.53
O2 IPA D . 15.72 -31.48 8.58
MG MG E . 6.52 -15.12 2.44
MG MG F . 1.29 19.43 21.35
MG MG G . -19.08 -7.14 -28.32
#